data_3LHO
#
_entry.id   3LHO
#
_cell.length_a   42.098
_cell.length_b   75.035
_cell.length_c   91.112
_cell.angle_alpha   90.000
_cell.angle_beta   90.000
_cell.angle_gamma   90.000
#
_symmetry.space_group_name_H-M   'P 21 21 21'
#
loop_
_entity.id
_entity.type
_entity.pdbx_description
1 polymer 'Putative hydrolase'
2 non-polymer 'NICKEL (II) ION'
3 non-polymer 'SULFATE ION'
4 non-polymer GLYCEROL
5 non-polymer DI(HYDROXYETHYL)ETHER
6 non-polymer 'TETRAETHYLENE GLYCOL'
7 water water
#
_entity_poly.entity_id   1
_entity_poly.type   'polypeptide(L)'
_entity_poly.pdbx_seq_one_letter_code
;G(MSE)HTDVNALFAALWQDYIK(MSE)TPSAAKIHQLLGHGAPIINDHIALRTFNIAKVNLSVLAKHFTSIGYVDSGDY
KFEQKKLIAKHFEHPDPKQPKVFISELLVEEFSPEVQKSIHGLIDQVDIAATTADNFIYSGRHWDVDKATYQALLAESEY
AAWVAALGYRANHFTVSINDLPEFERIEDVNQALKQAGFVLNSSGGEVKGSPEVLLEQSST(MSE)ADKVVVNFTDGDVE
IPSCFYEFARRYP(MSE)ANGQLYTGFVAASADKIFESTNA(MSE)(MSE)
;
_entity_poly.pdbx_strand_id   A
#
loop_
_chem_comp.id
_chem_comp.type
_chem_comp.name
_chem_comp.formula
GOL non-polymer GLYCEROL 'C3 H8 O3'
NI non-polymer 'NICKEL (II) ION' 'Ni 2'
PEG non-polymer DI(HYDROXYETHYL)ETHER 'C4 H10 O3'
PG4 non-polymer 'TETRAETHYLENE GLYCOL' 'C8 H18 O5'
SO4 non-polymer 'SULFATE ION' 'O4 S -2'
#
# COMPACT_ATOMS: atom_id res chain seq x y z
N GLY A 1 15.09 -8.00 -16.06
CA GLY A 1 15.44 -8.11 -14.61
C GLY A 1 14.96 -6.86 -13.90
N MSE A 2 15.38 -6.71 -12.65
CA MSE A 2 14.82 -5.72 -11.73
C MSE A 2 15.47 -4.34 -11.85
O MSE A 2 16.62 -4.22 -12.34
CB MSE A 2 14.98 -6.21 -10.31
CG MSE A 2 14.67 -7.68 -10.17
SE MSE A 2 14.42 -8.15 -8.31
CE MSE A 2 16.20 -8.36 -7.75
N HIS A 3 14.76 -3.32 -11.38
CA HIS A 3 15.33 -1.96 -11.30
C HIS A 3 16.66 -2.01 -10.52
N THR A 4 17.63 -1.22 -10.98
CA THR A 4 18.91 -1.04 -10.28
C THR A 4 18.94 0.29 -9.48
N ASP A 5 18.01 1.19 -9.76
CA ASP A 5 17.95 2.49 -9.10
C ASP A 5 16.62 2.69 -8.35
N VAL A 6 16.76 3.00 -7.05
CA VAL A 6 15.66 3.15 -6.11
C VAL A 6 14.74 4.28 -6.53
N ASN A 7 15.31 5.39 -7.04
CA ASN A 7 14.46 6.48 -7.49
C ASN A 7 13.63 6.09 -8.68
N ALA A 8 14.21 5.38 -9.63
CA ALA A 8 13.48 4.91 -10.80
C ALA A 8 12.33 3.96 -10.43
N LEU A 9 12.54 3.09 -9.42
CA LEU A 9 11.51 2.14 -9.00
C LEU A 9 10.29 2.86 -8.43
N PHE A 10 10.52 3.76 -7.48
CA PHE A 10 9.43 4.55 -6.94
C PHE A 10 8.78 5.50 -7.95
N ALA A 11 9.55 6.09 -8.86
CA ALA A 11 8.96 6.87 -9.95
C ALA A 11 7.94 6.03 -10.71
N ALA A 12 8.32 4.80 -11.08
CA ALA A 12 7.48 3.94 -11.89
C ALA A 12 6.27 3.44 -11.10
N LEU A 13 6.48 3.15 -9.82
CA LEU A 13 5.39 2.74 -8.98
C LEU A 13 4.36 3.86 -8.79
N TRP A 14 4.85 5.07 -8.57
CA TRP A 14 3.99 6.25 -8.43
C TRP A 14 3.23 6.57 -9.72
N GLN A 15 3.90 6.49 -10.86
CA GLN A 15 3.17 6.75 -12.13
C GLN A 15 1.98 5.80 -12.33
N ASP A 16 2.18 4.55 -11.95
CA ASP A 16 1.13 3.55 -12.00
C ASP A 16 0.03 3.80 -10.98
N TYR A 17 0.43 4.09 -9.74
CA TYR A 17 -0.48 4.39 -8.65
C TYR A 17 -1.43 5.56 -8.89
N ILE A 18 -0.91 6.66 -9.44
CA ILE A 18 -1.73 7.85 -9.67
C ILE A 18 -2.79 7.63 -10.76
N LYS A 19 -2.60 6.65 -11.64
CA LYS A 19 -3.62 6.26 -12.58
C LYS A 19 -4.86 5.75 -11.87
N MSE A 20 -4.68 5.02 -10.76
CA MSE A 20 -5.77 4.55 -9.94
C MSE A 20 -6.22 5.63 -8.98
O MSE A 20 -7.36 5.62 -8.56
CB MSE A 20 -5.33 3.39 -9.02
CG MSE A 20 -5.18 2.08 -9.73
SE MSE A 20 -4.71 0.78 -8.47
CE MSE A 20 -2.91 1.33 -8.05
N THR A 21 -5.29 6.55 -8.64
CA THR A 21 -5.47 7.45 -7.49
C THR A 21 -5.17 8.92 -7.88
N PRO A 22 -6.04 9.51 -8.72
CA PRO A 22 -5.84 10.90 -9.15
C PRO A 22 -5.75 11.88 -7.99
N SER A 23 -6.42 11.60 -6.89
CA SER A 23 -6.33 12.44 -5.71
C SER A 23 -4.89 12.59 -5.20
N ALA A 24 -4.11 11.52 -5.26
CA ALA A 24 -2.74 11.54 -4.88
C ALA A 24 -1.96 12.49 -5.79
N ALA A 25 -2.23 12.46 -7.08
CA ALA A 25 -1.48 13.37 -7.95
C ALA A 25 -1.78 14.82 -7.55
N LYS A 26 -3.04 15.10 -7.24
CA LYS A 26 -3.44 16.49 -6.92
C LYS A 26 -2.88 16.93 -5.57
N ILE A 27 -3.01 16.09 -4.54
CA ILE A 27 -2.52 16.43 -3.21
C ILE A 27 -0.98 16.54 -3.22
N HIS A 28 -0.28 15.71 -3.99
CA HIS A 28 1.18 15.83 -4.15
C HIS A 28 1.54 17.24 -4.65
N GLN A 29 0.88 17.69 -5.72
CA GLN A 29 1.07 19.04 -6.24
C GLN A 29 0.73 20.11 -5.19
N LEU A 30 -0.41 19.96 -4.50
CA LEU A 30 -0.81 20.91 -3.44
C LEU A 30 0.24 21.10 -2.34
N LEU A 31 0.75 20.00 -1.78
CA LEU A 31 1.67 20.02 -0.67
C LEU A 31 3.11 20.38 -1.04
N GLY A 32 3.54 19.98 -2.22
CA GLY A 32 4.93 20.16 -2.64
C GLY A 32 5.15 21.28 -3.64
N HIS A 33 4.08 21.83 -4.20
CA HIS A 33 4.13 22.93 -5.15
C HIS A 33 5.01 22.56 -6.36
N GLY A 34 5.02 21.27 -6.72
CA GLY A 34 5.87 20.79 -7.81
C GLY A 34 7.18 20.13 -7.38
N ALA A 35 7.60 20.36 -6.13
CA ALA A 35 8.76 19.67 -5.56
C ALA A 35 8.39 18.23 -5.17
N PRO A 36 9.34 17.30 -5.24
CA PRO A 36 9.03 16.00 -4.69
C PRO A 36 8.81 16.11 -3.17
N ILE A 37 7.96 15.21 -2.67
CA ILE A 37 7.52 15.16 -1.28
C ILE A 37 8.18 13.91 -0.72
N ILE A 38 8.68 13.96 0.51
CA ILE A 38 9.23 12.76 1.12
C ILE A 38 8.07 11.85 1.61
N ASN A 39 8.13 10.58 1.20
CA ASN A 39 7.15 9.60 1.66
C ASN A 39 7.60 8.83 2.91
N ASP A 40 6.71 8.62 3.85
CA ASP A 40 6.97 7.75 5.01
C ASP A 40 7.09 6.28 4.60
N HIS A 41 6.15 5.86 3.73
CA HIS A 41 6.10 4.47 3.26
C HIS A 41 5.25 4.29 2.04
N ILE A 42 5.47 3.13 1.40
CA ILE A 42 4.52 2.49 0.49
C ILE A 42 4.07 1.15 1.09
N ALA A 43 2.92 0.68 0.61
CA ALA A 43 2.36 -0.60 1.08
C ALA A 43 2.05 -1.46 -0.13
N LEU A 44 2.50 -2.72 -0.10
CA LEU A 44 2.20 -3.71 -1.14
C LEU A 44 1.55 -4.93 -0.51
N ARG A 45 0.81 -5.70 -1.32
CA ARG A 45 0.02 -6.82 -0.81
C ARG A 45 0.25 -8.05 -1.69
N THR A 46 0.11 -9.24 -1.13
CA THR A 46 0.17 -10.46 -1.96
C THR A 46 -0.43 -11.60 -1.16
N PHE A 47 -0.33 -12.83 -1.68
CA PHE A 47 -0.74 -14.04 -0.95
C PHE A 47 0.46 -14.89 -0.58
N ASN A 48 0.33 -15.75 0.45
CA ASN A 48 1.41 -16.64 0.83
C ASN A 48 1.55 -17.90 -0.10
N ILE A 49 1.54 -17.66 -1.40
CA ILE A 49 1.68 -18.70 -2.42
C ILE A 49 3.12 -18.45 -2.95
N ALA A 50 3.94 -19.52 -2.96
CA ALA A 50 5.40 -19.42 -3.20
C ALA A 50 5.73 -18.52 -4.38
N LYS A 51 5.04 -18.75 -5.46
CA LYS A 51 5.32 -18.00 -6.68
C LYS A 51 5.32 -16.47 -6.48
N VAL A 52 4.53 -15.97 -5.54
CA VAL A 52 4.29 -14.52 -5.40
C VAL A 52 4.34 -14.08 -3.95
N ASN A 53 5.02 -14.82 -3.09
CA ASN A 53 4.95 -14.56 -1.65
C ASN A 53 5.70 -13.28 -1.22
N LEU A 54 5.59 -12.94 0.05
CA LEU A 54 6.20 -11.74 0.60
C LEU A 54 7.69 -11.60 0.10
N SER A 55 8.43 -12.71 0.14
CA SER A 55 9.87 -12.72 -0.12
C SER A 55 10.10 -12.39 -1.58
N VAL A 56 9.18 -12.83 -2.44
CA VAL A 56 9.34 -12.55 -3.89
C VAL A 56 9.22 -11.03 -4.19
N LEU A 57 8.24 -10.38 -3.58
CA LEU A 57 8.06 -8.95 -3.74
C LEU A 57 9.23 -8.23 -3.09
N ALA A 58 9.64 -8.68 -1.90
CA ALA A 58 10.71 -8.02 -1.15
C ALA A 58 12.05 -7.94 -1.91
N LYS A 59 12.31 -8.93 -2.76
CA LYS A 59 13.57 -8.99 -3.51
C LYS A 59 13.74 -7.79 -4.44
N HIS A 60 12.62 -7.21 -4.87
CA HIS A 60 12.67 -5.98 -5.70
C HIS A 60 13.25 -4.83 -4.92
N PHE A 61 13.23 -4.93 -3.59
CA PHE A 61 13.75 -3.86 -2.75
C PHE A 61 15.11 -4.23 -2.10
N THR A 62 15.24 -5.45 -1.61
CA THR A 62 16.49 -5.88 -0.96
C THR A 62 17.63 -5.92 -1.97
N SER A 63 17.30 -6.09 -3.26
CA SER A 63 18.32 -6.10 -4.29
C SER A 63 18.94 -4.71 -4.54
N ILE A 64 18.29 -3.63 -4.10
CA ILE A 64 18.79 -2.27 -4.30
C ILE A 64 19.01 -1.55 -2.95
N GLY A 65 19.24 -2.32 -1.89
CA GLY A 65 19.69 -1.77 -0.62
C GLY A 65 18.77 -1.76 0.58
N TYR A 66 17.49 -2.15 0.40
CA TYR A 66 16.60 -2.24 1.55
C TYR A 66 16.99 -3.36 2.46
N VAL A 67 16.76 -3.15 3.75
CA VAL A 67 17.12 -4.11 4.77
CA VAL A 67 17.08 -4.18 4.71
C VAL A 67 15.87 -4.45 5.56
N ASP A 68 15.69 -5.74 5.82
CA ASP A 68 14.64 -6.26 6.67
C ASP A 68 14.70 -5.60 8.04
N SER A 69 13.63 -4.94 8.47
CA SER A 69 13.63 -4.07 9.63
C SER A 69 12.48 -4.30 10.61
N GLY A 70 11.55 -5.22 10.34
CA GLY A 70 10.41 -5.44 11.25
C GLY A 70 9.49 -6.54 10.77
N ASP A 71 9.02 -7.40 11.67
CA ASP A 71 8.10 -8.53 11.39
C ASP A 71 6.79 -8.26 12.14
N TYR A 72 5.65 -8.51 11.48
CA TYR A 72 4.32 -8.24 12.05
C TYR A 72 3.37 -9.38 11.75
N LYS A 73 2.45 -9.66 12.66
CA LYS A 73 1.34 -10.55 12.39
C LYS A 73 0.04 -9.81 12.68
N PHE A 74 -0.92 -9.86 11.76
CA PHE A 74 -2.26 -9.30 12.00
C PHE A 74 -3.32 -10.41 12.02
N GLU A 75 -3.77 -10.78 13.21
CA GLU A 75 -4.56 -12.00 13.38
C GLU A 75 -5.94 -11.92 12.76
N GLN A 76 -6.64 -10.84 13.03
CA GLN A 76 -8.01 -10.67 12.56
C GLN A 76 -8.08 -10.64 11.02
N LYS A 77 -7.11 -9.99 10.40
CA LYS A 77 -7.09 -9.87 8.94
C LYS A 77 -6.38 -11.05 8.25
N LYS A 78 -5.81 -11.95 9.04
CA LYS A 78 -5.11 -13.17 8.56
C LYS A 78 -3.88 -12.82 7.72
N LEU A 79 -3.06 -11.93 8.27
CA LEU A 79 -1.93 -11.38 7.52
C LEU A 79 -0.63 -11.52 8.29
N ILE A 80 0.45 -11.74 7.55
CA ILE A 80 1.76 -11.44 8.11
CA ILE A 80 1.84 -11.58 8.00
C ILE A 80 2.41 -10.36 7.27
N ALA A 81 3.30 -9.61 7.89
CA ALA A 81 3.94 -8.55 7.11
C ALA A 81 5.34 -8.29 7.64
N LYS A 82 6.08 -7.54 6.83
CA LYS A 82 7.41 -7.07 7.22
C LYS A 82 7.55 -5.65 6.66
N HIS A 83 8.42 -4.86 7.28
CA HIS A 83 8.85 -3.61 6.70
C HIS A 83 10.35 -3.60 6.51
N PHE A 84 10.74 -2.82 5.47
CA PHE A 84 12.12 -2.68 5.01
C PHE A 84 12.51 -1.20 5.00
N GLU A 85 13.78 -0.95 5.34
CA GLU A 85 14.36 0.38 5.42
C GLU A 85 15.61 0.50 4.54
N HIS A 86 15.77 1.67 3.93
CA HIS A 86 16.89 1.98 3.02
C HIS A 86 17.89 2.87 3.80
N PRO A 87 19.20 2.77 3.48
CA PRO A 87 20.19 3.61 4.20
C PRO A 87 19.99 5.12 4.02
N ASP A 88 19.38 5.52 2.90
CA ASP A 88 19.00 6.91 2.64
C ASP A 88 17.63 7.23 3.28
N PRO A 89 17.62 8.11 4.29
CA PRO A 89 16.36 8.44 4.98
C PRO A 89 15.32 9.15 4.13
N LYS A 90 15.69 9.70 2.97
CA LYS A 90 14.70 10.26 2.04
C LYS A 90 13.80 9.18 1.41
N GLN A 91 14.27 7.94 1.38
CA GLN A 91 13.56 6.87 0.71
C GLN A 91 12.46 6.35 1.63
N PRO A 92 11.34 5.97 1.03
CA PRO A 92 10.26 5.48 1.86
C PRO A 92 10.58 4.14 2.54
N LYS A 93 10.01 3.88 3.71
CA LYS A 93 9.91 2.55 4.17
C LYS A 93 8.99 1.76 3.24
N VAL A 94 9.21 0.47 3.19
CA VAL A 94 8.45 -0.44 2.37
C VAL A 94 7.77 -1.49 3.25
N PHE A 95 6.45 -1.45 3.25
CA PHE A 95 5.64 -2.33 4.03
C PHE A 95 5.02 -3.36 3.06
N ILE A 96 5.29 -4.64 3.33
CA ILE A 96 4.80 -5.73 2.45
C ILE A 96 4.07 -6.74 3.30
N SER A 97 2.79 -6.97 2.98
CA SER A 97 2.02 -7.97 3.71
C SER A 97 1.59 -9.11 2.77
N GLU A 98 1.23 -10.24 3.34
CA GLU A 98 0.69 -11.35 2.57
C GLU A 98 -0.45 -12.00 3.33
N LEU A 99 -1.52 -12.30 2.61
CA LEU A 99 -2.66 -12.98 3.20
C LEU A 99 -2.35 -14.46 3.39
N LEU A 100 -2.76 -14.99 4.53
CA LEU A 100 -2.55 -16.41 4.79
C LEU A 100 -3.74 -17.19 4.23
N VAL A 101 -3.56 -17.73 3.02
CA VAL A 101 -4.66 -18.32 2.25
C VAL A 101 -5.34 -19.49 2.94
N GLU A 102 -4.59 -20.20 3.78
CA GLU A 102 -5.11 -21.36 4.49
C GLU A 102 -6.16 -20.98 5.53
N GLU A 103 -6.31 -19.71 5.86
CA GLU A 103 -7.27 -19.34 6.90
C GLU A 103 -8.69 -19.18 6.31
N PHE A 104 -8.86 -19.36 4.99
CA PHE A 104 -10.13 -19.06 4.34
C PHE A 104 -10.82 -20.33 3.92
N SER A 105 -12.09 -20.24 3.53
CA SER A 105 -12.85 -21.40 3.03
C SER A 105 -12.12 -22.12 1.90
N PRO A 106 -12.28 -23.46 1.81
CA PRO A 106 -11.74 -24.22 0.68
C PRO A 106 -12.06 -23.59 -0.70
N GLU A 107 -13.25 -23.04 -0.83
CA GLU A 107 -13.69 -22.41 -2.06
C GLU A 107 -12.92 -21.13 -2.36
N VAL A 108 -12.69 -20.31 -1.35
CA VAL A 108 -11.85 -19.14 -1.58
C VAL A 108 -10.37 -19.53 -1.91
N GLN A 109 -9.85 -20.54 -1.21
CA GLN A 109 -8.49 -21.00 -1.41
C GLN A 109 -8.34 -21.44 -2.85
N LYS A 110 -9.29 -22.22 -3.35
CA LYS A 110 -9.24 -22.70 -4.74
C LYS A 110 -9.29 -21.52 -5.69
N SER A 111 -10.13 -20.53 -5.41
CA SER A 111 -10.24 -19.39 -6.32
C SER A 111 -8.95 -18.58 -6.37
N ILE A 112 -8.34 -18.36 -5.21
CA ILE A 112 -7.11 -17.57 -5.13
C ILE A 112 -6.00 -18.34 -5.86
N HIS A 113 -5.87 -19.64 -5.59
CA HIS A 113 -4.88 -20.44 -6.33
C HIS A 113 -5.09 -20.37 -7.81
N GLY A 114 -6.36 -20.34 -8.23
CA GLY A 114 -6.68 -20.25 -9.63
C GLY A 114 -6.22 -18.99 -10.32
N LEU A 115 -6.22 -17.87 -9.57
CA LEU A 115 -5.73 -16.60 -10.13
C LEU A 115 -4.21 -16.63 -10.22
N ILE A 116 -3.56 -17.09 -9.17
CA ILE A 116 -2.09 -17.08 -9.13
C ILE A 116 -1.48 -18.10 -10.09
N ASP A 117 -2.21 -19.18 -10.39
CA ASP A 117 -1.76 -20.15 -11.37
C ASP A 117 -1.61 -19.45 -12.68
N GLN A 118 -2.31 -18.35 -12.90
CA GLN A 118 -2.18 -17.67 -14.20
C GLN A 118 -0.97 -16.72 -14.32
N VAL A 119 -0.34 -16.42 -13.19
CA VAL A 119 0.88 -15.60 -13.17
C VAL A 119 2.07 -16.39 -13.76
N ASP A 120 2.63 -15.88 -14.84
CA ASP A 120 3.90 -16.38 -15.34
C ASP A 120 5.04 -16.14 -14.36
N ILE A 121 5.68 -17.23 -13.94
CA ILE A 121 6.75 -17.12 -12.92
C ILE A 121 7.84 -16.16 -13.41
N ALA A 122 8.06 -16.13 -14.72
CA ALA A 122 9.07 -15.24 -15.26
C ALA A 122 8.76 -13.75 -15.05
N ALA A 123 7.48 -13.41 -14.93
CA ALA A 123 7.07 -12.04 -14.73
C ALA A 123 7.52 -11.53 -13.36
N THR A 124 7.74 -12.46 -12.42
CA THR A 124 7.97 -12.08 -11.04
C THR A 124 9.37 -11.52 -10.81
N THR A 125 10.25 -11.73 -11.79
CA THR A 125 11.60 -11.16 -11.72
C THR A 125 11.84 -9.99 -12.70
N ALA A 126 10.80 -9.56 -13.41
CA ALA A 126 10.91 -8.43 -14.34
C ALA A 126 10.81 -7.15 -13.52
N ASP A 127 11.33 -6.07 -14.08
CA ASP A 127 11.39 -4.82 -13.32
C ASP A 127 10.05 -4.22 -12.98
N ASN A 128 9.02 -4.56 -13.75
CA ASN A 128 7.72 -3.95 -13.56
C ASN A 128 6.82 -4.78 -12.68
N PHE A 129 7.35 -5.85 -12.08
CA PHE A 129 6.43 -6.77 -11.40
C PHE A 129 5.57 -6.11 -10.31
N ILE A 130 6.13 -5.24 -9.48
CA ILE A 130 5.33 -4.71 -8.36
C ILE A 130 4.29 -3.65 -8.84
N TYR A 131 4.37 -3.23 -10.09
CA TYR A 131 3.31 -2.40 -10.71
C TYR A 131 2.78 -2.99 -12.02
N SER A 132 2.78 -4.32 -12.11
CA SER A 132 2.43 -5.05 -13.36
C SER A 132 0.89 -5.24 -13.47
N GLY A 133 0.17 -5.06 -12.37
CA GLY A 133 -1.30 -5.22 -12.39
C GLY A 133 -1.79 -6.65 -12.34
N ARG A 134 -2.91 -6.87 -13.01
CA ARG A 134 -3.57 -8.14 -13.00
C ARG A 134 -2.95 -9.06 -14.01
N HIS A 135 -2.70 -10.29 -13.62
CA HIS A 135 -2.16 -11.30 -14.52
C HIS A 135 -3.19 -12.40 -14.87
N TRP A 136 -4.43 -12.24 -14.37
CA TRP A 136 -5.44 -13.30 -14.40
C TRP A 136 -6.77 -12.73 -14.89
N ASP A 137 -7.53 -13.57 -15.58
CA ASP A 137 -8.96 -13.36 -15.78
C ASP A 137 -9.69 -13.64 -14.47
N VAL A 138 -10.68 -12.83 -14.18
CA VAL A 138 -11.49 -13.06 -12.98
C VAL A 138 -12.92 -12.58 -13.27
N ASP A 139 -13.89 -13.34 -12.75
CA ASP A 139 -15.31 -12.98 -12.96
C ASP A 139 -15.92 -12.38 -11.68
N LYS A 140 -17.14 -11.87 -11.81
CA LYS A 140 -17.77 -11.11 -10.73
C LYS A 140 -18.06 -12.01 -9.55
N ALA A 141 -18.49 -13.25 -9.81
CA ALA A 141 -18.87 -14.18 -8.73
C ALA A 141 -17.65 -14.53 -7.90
N THR A 142 -16.50 -14.65 -8.56
CA THR A 142 -15.22 -14.92 -7.87
C THR A 142 -14.83 -13.76 -6.98
N TYR A 143 -14.87 -12.54 -7.54
CA TYR A 143 -14.67 -11.34 -6.78
C TYR A 143 -15.56 -11.28 -5.55
N GLN A 144 -16.86 -11.56 -5.71
CA GLN A 144 -17.79 -11.52 -4.56
C GLN A 144 -17.51 -12.55 -3.49
N ALA A 145 -17.14 -13.77 -3.91
CA ALA A 145 -16.83 -14.86 -2.97
C ALA A 145 -15.61 -14.46 -2.12
N LEU A 146 -14.59 -13.88 -2.76
CA LEU A 146 -13.42 -13.39 -2.02
CA LEU A 146 -13.42 -13.36 -2.03
C LEU A 146 -13.84 -12.26 -1.06
N LEU A 147 -14.60 -11.31 -1.59
CA LEU A 147 -15.01 -10.13 -0.85
C LEU A 147 -15.81 -10.53 0.40
N ALA A 148 -16.55 -11.64 0.34
CA ALA A 148 -17.39 -12.08 1.48
C ALA A 148 -16.54 -12.48 2.66
N GLU A 149 -15.31 -12.91 2.42
CA GLU A 149 -14.43 -13.36 3.50
C GLU A 149 -13.24 -12.43 3.73
N SER A 150 -12.80 -11.71 2.70
CA SER A 150 -11.62 -10.86 2.80
C SER A 150 -11.63 -9.71 1.80
N GLU A 151 -11.79 -8.49 2.30
CA GLU A 151 -11.63 -7.29 1.43
C GLU A 151 -10.23 -7.25 0.82
N TYR A 152 -9.24 -7.62 1.62
CA TYR A 152 -7.85 -7.67 1.16
C TYR A 152 -7.68 -8.56 -0.05
N ALA A 153 -8.15 -9.81 0.08
CA ALA A 153 -8.11 -10.76 -1.04
C ALA A 153 -8.82 -10.23 -2.26
N ALA A 154 -10.00 -9.64 -2.06
CA ALA A 154 -10.78 -9.11 -3.23
C ALA A 154 -10.06 -7.99 -3.97
N TRP A 155 -9.44 -7.10 -3.19
CA TRP A 155 -8.66 -6.00 -3.72
C TRP A 155 -7.54 -6.52 -4.58
N VAL A 156 -6.78 -7.48 -4.05
CA VAL A 156 -5.67 -8.04 -4.83
C VAL A 156 -6.22 -8.74 -6.07
N ALA A 157 -7.33 -9.47 -5.92
CA ALA A 157 -7.95 -10.14 -7.10
C ALA A 157 -8.37 -9.11 -8.17
N ALA A 158 -8.92 -7.98 -7.73
CA ALA A 158 -9.42 -6.95 -8.70
C ALA A 158 -8.32 -6.13 -9.37
N LEU A 159 -7.28 -5.79 -8.62
CA LEU A 159 -6.28 -4.78 -9.13
C LEU A 159 -4.87 -5.34 -9.37
N GLY A 160 -4.59 -6.49 -8.78
CA GLY A 160 -3.32 -7.15 -8.95
C GLY A 160 -2.15 -6.49 -8.23
N TYR A 161 -1.00 -6.51 -8.89
CA TYR A 161 0.26 -6.08 -8.32
C TYR A 161 0.52 -4.63 -8.66
N ARG A 162 0.15 -3.76 -7.74
CA ARG A 162 0.25 -2.30 -7.89
C ARG A 162 0.32 -1.74 -6.47
N ALA A 163 0.84 -0.53 -6.28
CA ALA A 163 0.91 0.01 -4.88
C ALA A 163 -0.49 0.11 -4.31
N ASN A 164 -0.67 -0.33 -3.06
CA ASN A 164 -1.94 -0.12 -2.39
C ASN A 164 -2.05 1.32 -1.91
N HIS A 165 -0.96 1.87 -1.39
CA HIS A 165 -0.90 3.32 -1.10
C HIS A 165 0.51 3.83 -0.94
N PHE A 166 0.67 5.13 -1.19
CA PHE A 166 1.80 5.92 -0.70
C PHE A 166 1.35 6.71 0.51
N THR A 167 2.30 6.95 1.43
CA THR A 167 2.07 7.73 2.62
C THR A 167 3.08 8.86 2.78
N VAL A 168 2.59 10.10 2.81
CA VAL A 168 3.39 11.29 3.03
C VAL A 168 3.94 11.37 4.42
N SER A 169 5.21 11.75 4.54
CA SER A 169 5.81 11.95 5.81
C SER A 169 5.51 13.38 6.24
N ILE A 170 4.66 13.49 7.26
CA ILE A 170 4.32 14.79 7.84
CA ILE A 170 4.31 14.78 7.87
C ILE A 170 5.58 15.36 8.51
N ASN A 171 6.33 14.51 9.21
CA ASN A 171 7.62 14.90 9.80
C ASN A 171 8.43 15.75 8.84
N ASP A 172 8.51 15.32 7.59
CA ASP A 172 9.37 15.97 6.60
C ASP A 172 8.76 17.14 5.84
N LEU A 173 7.46 17.39 5.99
CA LEU A 173 6.85 18.54 5.27
C LEU A 173 7.33 19.85 5.91
N PRO A 174 8.01 20.71 5.14
CA PRO A 174 8.53 21.93 5.78
C PRO A 174 7.48 22.93 6.28
N GLU A 175 6.29 22.94 5.70
CA GLU A 175 5.29 23.95 6.04
C GLU A 175 4.26 23.52 7.08
N PHE A 176 4.32 22.28 7.54
CA PHE A 176 3.30 21.77 8.45
C PHE A 176 3.97 21.13 9.65
N GLU A 177 3.37 21.31 10.81
CA GLU A 177 3.82 20.60 11.99
C GLU A 177 2.89 19.43 12.36
N ARG A 178 1.58 19.68 12.32
CA ARG A 178 0.63 18.76 12.90
C ARG A 178 -0.23 18.13 11.82
N ILE A 179 -0.55 16.84 12.02
CA ILE A 179 -1.46 16.11 11.12
C ILE A 179 -2.81 16.86 10.98
N GLU A 180 -3.31 17.41 12.10
CA GLU A 180 -4.55 18.21 12.08
C GLU A 180 -4.46 19.37 11.09
N ASP A 181 -3.29 19.98 10.98
CA ASP A 181 -3.14 21.11 10.07
C ASP A 181 -3.08 20.64 8.64
N VAL A 182 -2.44 19.51 8.39
CA VAL A 182 -2.45 18.94 7.01
C VAL A 182 -3.88 18.59 6.62
N ASN A 183 -4.59 17.94 7.53
CA ASN A 183 -5.98 17.55 7.29
C ASN A 183 -6.86 18.74 6.96
N GLN A 184 -6.63 19.85 7.65
CA GLN A 184 -7.42 21.06 7.42
C GLN A 184 -7.14 21.62 6.02
N ALA A 185 -5.87 21.66 5.60
CA ALA A 185 -5.49 22.14 4.26
C ALA A 185 -6.12 21.28 3.16
N LEU A 186 -6.19 19.98 3.42
CA LEU A 186 -6.77 19.05 2.45
C LEU A 186 -8.26 19.32 2.31
N LYS A 187 -8.95 19.45 3.43
CA LYS A 187 -10.41 19.75 3.39
C LYS A 187 -10.69 21.12 2.73
N GLN A 188 -9.91 22.13 3.09
CA GLN A 188 -10.03 23.46 2.47
C GLN A 188 -9.81 23.42 0.94
N ALA A 189 -8.93 22.54 0.48
CA ALA A 189 -8.69 22.36 -0.97
C ALA A 189 -9.74 21.46 -1.66
N GLY A 190 -10.69 20.94 -0.90
CA GLY A 190 -11.83 20.23 -1.47
C GLY A 190 -11.68 18.72 -1.55
N PHE A 191 -10.73 18.17 -0.78
CA PHE A 191 -10.61 16.72 -0.67
C PHE A 191 -11.41 16.25 0.54
N VAL A 192 -11.95 15.03 0.45
CA VAL A 192 -12.64 14.43 1.58
CA VAL A 192 -12.67 14.38 1.53
C VAL A 192 -11.77 13.33 2.19
N LEU A 193 -11.73 13.32 3.52
CA LEU A 193 -10.93 12.40 4.28
C LEU A 193 -11.74 11.23 4.78
N ASN A 194 -11.10 10.08 4.96
CA ASN A 194 -11.74 8.97 5.67
CA ASN A 194 -11.70 8.96 5.65
C ASN A 194 -11.92 9.37 7.11
N SER A 195 -13.16 9.33 7.58
CA SER A 195 -13.42 9.69 8.97
C SER A 195 -13.98 8.53 9.78
N SER A 196 -13.87 7.31 9.28
CA SER A 196 -14.35 6.17 10.07
C SER A 196 -13.72 6.11 11.44
N GLY A 197 -12.48 5.66 11.54
CA GLY A 197 -11.85 5.62 12.89
C GLY A 197 -11.66 6.96 13.60
N GLY A 198 -12.36 8.03 13.21
CA GLY A 198 -11.91 9.41 13.45
C GLY A 198 -11.02 9.84 12.27
N GLU A 199 -10.90 11.15 12.02
CA GLU A 199 -10.08 11.63 10.90
C GLU A 199 -8.59 11.38 11.14
N VAL A 200 -8.18 11.28 12.41
CA VAL A 200 -6.81 10.97 12.79
C VAL A 200 -6.85 9.68 13.57
N LYS A 201 -6.07 8.70 13.14
CA LYS A 201 -5.93 7.43 13.84
C LYS A 201 -4.62 7.49 14.62
N GLY A 202 -4.69 7.15 15.90
CA GLY A 202 -3.53 7.17 16.79
C GLY A 202 -3.37 8.53 17.40
N SER A 203 -2.20 8.78 17.98
CA SER A 203 -2.01 9.93 18.86
C SER A 203 -0.52 10.07 19.12
N PRO A 204 -0.08 11.22 19.66
CA PRO A 204 1.33 11.32 20.06
C PRO A 204 1.72 10.26 21.08
N GLU A 205 0.78 9.88 21.92
CA GLU A 205 1.06 8.94 22.99
C GLU A 205 1.33 7.52 22.49
N VAL A 206 0.84 7.17 21.30
CA VAL A 206 1.13 5.87 20.70
C VAL A 206 2.17 6.00 19.58
N LEU A 207 2.78 7.18 19.51
CA LEU A 207 3.97 7.47 18.69
C LEU A 207 3.73 7.49 17.16
N LEU A 208 2.47 7.49 16.76
CA LEU A 208 2.10 7.42 15.35
C LEU A 208 0.70 8.01 15.15
N GLU A 209 0.59 8.90 14.17
CA GLU A 209 -0.71 9.44 13.77
C GLU A 209 -0.85 9.29 12.28
N GLN A 210 -2.01 8.82 11.81
CA GLN A 210 -2.24 8.65 10.38
C GLN A 210 -3.61 9.17 9.99
N SER A 211 -3.72 9.63 8.75
CA SER A 211 -4.98 10.04 8.17
C SER A 211 -4.91 9.67 6.70
N SER A 212 -6.06 9.69 6.02
CA SER A 212 -6.12 9.35 4.61
C SER A 212 -7.29 10.00 3.90
N THR A 213 -7.12 10.17 2.59
CA THR A 213 -8.22 10.50 1.73
C THR A 213 -9.17 9.34 1.66
N MSE A 214 -10.39 9.60 1.23
CA MSE A 214 -11.26 8.52 0.79
C MSE A 214 -10.75 8.00 -0.52
O MSE A 214 -10.22 8.77 -1.31
CB MSE A 214 -12.65 9.06 0.65
CG MSE A 214 -13.40 9.05 1.99
SE MSE A 214 -15.16 8.75 1.39
CE MSE A 214 -15.43 10.46 0.96
N ALA A 215 -10.86 6.69 -0.72
CA ALA A 215 -10.35 6.06 -1.93
C ALA A 215 -10.98 6.63 -3.19
N ASP A 216 -10.18 6.77 -4.24
CA ASP A 216 -10.72 7.08 -5.53
C ASP A 216 -11.45 5.84 -6.08
N LYS A 217 -11.92 5.93 -7.32
CA LYS A 217 -12.70 4.83 -7.92
C LYS A 217 -12.06 4.45 -9.22
N VAL A 218 -12.10 3.17 -9.58
CA VAL A 218 -11.66 2.73 -10.90
C VAL A 218 -12.59 1.69 -11.44
N VAL A 219 -12.57 1.48 -12.75
CA VAL A 219 -13.36 0.44 -13.41
C VAL A 219 -12.48 -0.80 -13.53
N VAL A 220 -12.96 -1.94 -13.05
CA VAL A 220 -12.29 -3.21 -13.25
C VAL A 220 -13.02 -4.01 -14.31
N ASN A 221 -12.26 -4.54 -15.25
CA ASN A 221 -12.82 -5.28 -16.37
C ASN A 221 -12.84 -6.78 -16.07
N PHE A 222 -13.87 -7.18 -15.36
CA PHE A 222 -14.11 -8.58 -15.08
C PHE A 222 -14.46 -9.28 -16.39
N THR A 223 -14.33 -10.60 -16.39
CA THR A 223 -14.69 -11.37 -17.56
C THR A 223 -16.14 -11.17 -17.96
N ASP A 224 -17.04 -11.00 -17.00
CA ASP A 224 -18.45 -10.84 -17.32
C ASP A 224 -19.03 -9.49 -16.93
N GLY A 225 -18.21 -8.44 -16.82
CA GLY A 225 -18.71 -7.12 -16.45
C GLY A 225 -17.64 -6.10 -16.18
N ASP A 226 -18.03 -4.83 -16.29
CA ASP A 226 -17.20 -3.68 -16.01
C ASP A 226 -17.75 -3.03 -14.75
N VAL A 227 -17.02 -3.18 -13.67
CA VAL A 227 -17.49 -2.78 -12.36
C VAL A 227 -16.63 -1.66 -11.77
N GLU A 228 -17.30 -0.62 -11.28
CA GLU A 228 -16.62 0.43 -10.54
C GLU A 228 -16.39 0.08 -9.07
N ILE A 229 -15.15 0.10 -8.63
CA ILE A 229 -14.82 -0.20 -7.25
C ILE A 229 -13.85 0.85 -6.68
N PRO A 230 -13.78 0.95 -5.35
CA PRO A 230 -12.71 1.75 -4.79
C PRO A 230 -11.33 1.27 -5.16
N SER A 231 -10.44 2.20 -5.45
CA SER A 231 -9.10 1.84 -5.85
C SER A 231 -8.19 2.02 -4.64
N CYS A 232 -7.59 3.19 -4.50
CA CYS A 232 -6.66 3.47 -3.37
C CYS A 232 -6.95 4.82 -2.73
N PHE A 233 -6.61 4.92 -1.45
CA PHE A 233 -6.42 6.19 -0.79
C PHE A 233 -4.93 6.62 -0.81
N TYR A 234 -4.72 7.90 -0.47
CA TYR A 234 -3.42 8.52 -0.18
C TYR A 234 -3.43 8.79 1.33
N GLU A 235 -2.33 8.43 1.98
CA GLU A 235 -2.20 8.43 3.42
C GLU A 235 -1.15 9.45 3.89
N PHE A 236 -1.23 9.83 5.18
CA PHE A 236 -0.36 10.85 5.82
C PHE A 236 0.02 10.31 7.17
N ALA A 237 1.31 10.37 7.52
CA ALA A 237 1.75 9.83 8.80
C ALA A 237 2.73 10.79 9.49
N ARG A 238 2.51 11.01 10.78
CA ARG A 238 3.47 11.64 11.64
C ARG A 238 4.00 10.61 12.63
N ARG A 239 5.32 10.44 12.67
CA ARG A 239 5.95 9.60 13.68
C ARG A 239 6.63 10.40 14.79
N TYR A 240 6.66 9.80 15.98
CA TYR A 240 7.27 10.40 17.14
C TYR A 240 8.44 9.59 17.67
N PRO A 241 9.36 10.28 18.38
CA PRO A 241 10.50 9.58 18.95
C PRO A 241 10.13 8.64 20.09
N MSE A 242 10.78 7.49 20.13
CA MSE A 242 10.71 6.60 21.28
C MSE A 242 11.61 7.09 22.43
O MSE A 242 12.29 8.13 22.30
CB MSE A 242 11.15 5.19 20.86
CG MSE A 242 10.31 4.64 19.73
SE MSE A 242 10.84 2.87 19.18
CE MSE A 242 12.38 3.24 18.07
N ALA A 243 11.62 6.34 23.53
CA ALA A 243 12.47 6.65 24.67
C ALA A 243 13.91 6.90 24.28
N ASN A 244 14.44 6.13 23.33
CA ASN A 244 15.84 6.32 22.91
C ASN A 244 16.12 7.42 21.86
N GLY A 245 15.09 8.14 21.44
CA GLY A 245 15.26 9.24 20.48
C GLY A 245 15.03 8.88 19.04
N GLN A 246 15.09 7.60 18.68
CA GLN A 246 14.81 7.20 17.28
C GLN A 246 13.30 7.20 17.03
N LEU A 247 12.90 7.45 15.80
CA LEU A 247 11.47 7.48 15.46
C LEU A 247 10.89 6.07 15.58
N TYR A 248 9.68 5.98 16.11
CA TYR A 248 8.89 4.74 16.10
C TYR A 248 8.70 4.34 14.65
N THR A 249 9.03 3.10 14.31
CA THR A 249 8.97 2.64 12.90
C THR A 249 7.80 1.69 12.59
N GLY A 250 6.91 1.47 13.53
CA GLY A 250 5.80 0.53 13.35
C GLY A 250 4.64 1.11 12.54
N PHE A 251 3.63 0.28 12.30
CA PHE A 251 2.60 0.63 11.32
C PHE A 251 1.16 0.65 11.86
N VAL A 252 1.01 0.26 13.13
CA VAL A 252 -0.23 0.46 13.87
C VAL A 252 0.18 1.21 15.12
N ALA A 253 -0.80 1.64 15.90
CA ALA A 253 -0.56 2.33 17.20
C ALA A 253 0.43 1.53 18.05
N ALA A 254 1.53 2.17 18.51
CA ALA A 254 2.53 1.48 19.38
C ALA A 254 1.91 0.93 20.65
NI NI B . 0.06 2.72 5.42
S SO4 C . 2.69 -22.95 -2.98
O1 SO4 C . 3.47 -22.70 -4.19
O2 SO4 C . 2.84 -21.86 -2.00
O3 SO4 C . 1.29 -23.14 -3.37
O4 SO4 C . 3.22 -24.16 -2.34
S SO4 D . -4.71 -7.94 15.18
O1 SO4 D . -3.98 -6.78 14.67
O2 SO4 D . -5.36 -7.59 16.44
O3 SO4 D . -5.73 -8.34 14.20
O4 SO4 D . -3.76 -9.02 15.42
S SO4 E . 16.58 1.33 -13.31
O1 SO4 E . 17.22 2.61 -13.62
O2 SO4 E . 16.58 1.14 -11.86
O3 SO4 E . 15.21 1.34 -13.81
O4 SO4 E . 17.35 0.23 -13.88
C1 GOL F . -10.04 -8.13 5.63
O1 GOL F . -9.35 -7.62 4.51
C2 GOL F . -11.15 -7.17 6.08
O2 GOL F . -10.69 -6.48 7.21
C3 GOL F . -12.40 -7.94 6.44
O3 GOL F . -12.88 -8.62 5.31
C1 GOL G . 22.92 -0.05 -2.17
O1 GOL G . 23.32 -0.07 -0.81
C2 GOL G . 22.60 1.38 -2.59
O2 GOL G . 22.13 2.05 -1.44
C3 GOL G . 21.63 1.46 -3.80
O3 GOL G . 20.36 2.05 -3.55
C1 GOL H . -4.51 4.19 8.94
O1 GOL H . -5.14 3.07 9.52
C2 GOL H . -5.54 5.03 8.18
O2 GOL H . -5.25 6.39 8.38
C3 GOL H . -5.57 4.73 6.68
O3 GOL H . -6.90 4.69 6.22
C1 GOL I . 7.80 -22.78 -7.09
O1 GOL I . 8.23 -21.58 -6.48
C2 GOL I . 6.38 -22.58 -7.59
O2 GOL I . 6.13 -21.21 -7.71
C3 GOL I . 6.14 -23.20 -8.96
O3 GOL I . 4.84 -22.86 -9.43
C1 PEG J . -5.55 2.87 -14.27
O1 PEG J . -4.77 1.81 -14.80
C2 PEG J . -6.95 2.44 -13.89
O2 PEG J . -6.91 1.14 -13.27
C3 PEG J . -7.30 0.09 -14.16
C4 PEG J . -8.18 -0.89 -13.37
O4 PEG J . -8.68 -1.88 -14.28
C1 PEG K . -3.00 -4.35 7.90
O1 PEG K . -2.43 -3.60 8.97
C2 PEG K . -2.92 -3.48 6.67
O2 PEG K . -3.61 -4.07 5.58
C3 PEG K . -2.86 -4.04 4.37
C4 PEG K . -2.44 -2.60 4.01
O4 PEG K . -2.05 -2.59 2.63
O1 PG4 L . -9.55 19.35 -8.59
C1 PG4 L . -9.45 19.64 -7.18
C2 PG4 L . -10.75 19.31 -6.46
O2 PG4 L . -10.51 18.45 -5.33
C3 PG4 L . -11.09 17.13 -5.42
C4 PG4 L . -10.40 16.34 -6.53
O3 PG4 L . -10.73 14.93 -6.52
C5 PG4 L . -9.83 14.08 -7.25
C6 PG4 L . -10.50 13.27 -8.36
O4 PG4 L . -9.72 13.51 -9.54
C7 PG4 L . -10.33 13.15 -10.78
C8 PG4 L . -9.54 13.85 -11.90
O5 PG4 L . -9.61 15.27 -11.72
#